data_3SNB
#
_entry.id   3SNB
#
_cell.length_a   108.740
_cell.length_b   81.860
_cell.length_c   53.210
_cell.angle_alpha   90.00
_cell.angle_beta   104.26
_cell.angle_gamma   90.00
#
_symmetry.space_group_name_H-M   'C 1 2 1'
#
loop_
_entity.id
_entity.type
_entity.pdbx_description
1 polymer '3C-like proteinase'
2 polymer 'Peptide aldehyde inhibitor Ac-DSFDQ-H'
3 water water
#
loop_
_entity_poly.entity_id
_entity_poly.type
_entity_poly.pdbx_seq_one_letter_code
_entity_poly.pdbx_strand_id
1 'polypeptide(L)'
;SGFRKMAFPSGKVEGCMVQVTCGTTTLNGLWLDDTVYCPRHVICTAEDMLNPNYEDLLIRKSNHSFLVQAGNVQLRVIGH
SMQNCLLRLKVDTSNPKTPKYKFVRIQPGQTFSVLACYNGSPSGVYQCAMRPNHTIKGSFLNGSCGSVGFNIDYDCVSFC
YMHHMELPTGVHAGTDLEGKFYGPFVDRQTAQAAGTDTTITLNVLAWLYAAVINGDRWFLNRFTTTLNDFNLVAMKYNYE
PLTQDHVDILGPLSAQTGIAVLDMCAALKELLQNGMNGRTILGSTILEDEFTPFDVVRQCSGVTFQ
;
A
2 'polypeptide(L)' (ACE)DSFD(ECC) H
#
# COMPACT_ATOMS: atom_id res chain seq x y z
N SER A 1 -25.95 1.66 -3.80
CA SER A 1 -25.29 3.00 -3.93
C SER A 1 -24.31 3.22 -2.78
N GLY A 2 -23.68 4.40 -2.74
CA GLY A 2 -22.62 4.72 -1.79
C GLY A 2 -21.23 4.42 -2.33
N PHE A 3 -20.21 5.03 -1.73
CA PHE A 3 -18.83 4.80 -2.17
C PHE A 3 -17.86 5.12 -1.05
N ARG A 4 -17.18 4.09 -0.55
CA ARG A 4 -16.31 4.20 0.61
C ARG A 4 -14.91 3.58 0.38
N LYS A 5 -13.91 4.05 1.14
CA LYS A 5 -12.60 3.40 1.25
C LYS A 5 -12.80 1.98 1.81
N MET A 6 -12.86 0.99 0.94
CA MET A 6 -13.14 -0.37 1.40
C MET A 6 -11.87 -1.22 1.38
N ALA A 7 -11.62 -1.92 2.48
CA ALA A 7 -10.48 -2.81 2.56
C ALA A 7 -10.97 -4.21 2.32
N PHE A 8 -10.05 -5.15 2.10
CA PHE A 8 -10.41 -6.56 1.97
C PHE A 8 -10.60 -7.16 3.35
N PRO A 9 -11.56 -8.09 3.46
CA PRO A 9 -11.73 -8.91 4.64
C PRO A 9 -10.36 -9.41 5.08
N SER A 10 -10.04 -9.30 6.37
CA SER A 10 -8.67 -9.49 6.84
C SER A 10 -8.38 -10.88 7.44
N GLY A 11 -9.35 -11.77 7.40
CA GLY A 11 -9.27 -13.05 8.13
C GLY A 11 -8.11 -13.94 7.74
N LYS A 12 -7.97 -14.16 6.44
CA LYS A 12 -6.90 -14.96 5.92
C LYS A 12 -5.53 -14.43 6.33
N VAL A 13 -5.39 -13.12 6.48
CA VAL A 13 -4.13 -12.54 6.87
C VAL A 13 -3.89 -12.59 8.39
N GLU A 14 -4.94 -12.44 9.21
CA GLU A 14 -4.84 -12.53 10.67
C GLU A 14 -4.23 -13.87 11.10
N GLY A 15 -4.61 -14.95 10.44
CA GLY A 15 -4.10 -16.30 10.76
C GLY A 15 -2.59 -16.50 10.58
N CYS A 16 -1.92 -15.49 10.00
CA CYS A 16 -0.49 -15.54 9.71
C CYS A 16 0.35 -14.54 10.49
N MET A 17 -0.24 -13.86 11.46
CA MET A 17 0.49 -12.84 12.19
C MET A 17 1.09 -13.49 13.41
N VAL A 18 2.39 -13.25 13.61
CA VAL A 18 3.10 -13.68 14.81
C VAL A 18 3.98 -12.55 15.32
N GLN A 19 4.54 -12.77 16.51
CA GLN A 19 5.44 -11.86 17.21
C GLN A 19 6.86 -12.38 17.07
N VAL A 20 7.81 -11.48 16.94
CA VAL A 20 9.23 -11.84 16.85
C VAL A 20 9.99 -10.91 17.79
N THR A 21 10.72 -11.49 18.74
CA THR A 21 11.55 -10.75 19.66
C THR A 21 12.97 -11.22 19.44
N CYS A 22 13.90 -10.27 19.34
CA CYS A 22 15.32 -10.61 19.29
C CYS A 22 16.05 -9.65 20.19
N GLY A 23 16.66 -10.19 21.24
CA GLY A 23 17.19 -9.37 22.29
C GLY A 23 16.00 -8.65 22.86
N THR A 24 15.95 -7.34 22.65
CA THR A 24 15.05 -6.48 23.36
C THR A 24 14.02 -5.82 22.44
N THR A 25 14.07 -6.13 21.14
CA THR A 25 13.18 -5.52 20.16
C THR A 25 12.07 -6.49 19.80
N THR A 26 10.82 -6.07 20.02
CA THR A 26 9.70 -6.87 19.54
C THR A 26 9.00 -6.22 18.35
N LEU A 27 8.74 -7.03 17.34
CA LEU A 27 7.93 -6.62 16.20
C LEU A 27 7.17 -7.80 15.60
N ASN A 28 6.40 -7.54 14.54
CA ASN A 28 5.48 -8.51 13.93
C ASN A 28 6.14 -9.29 12.79
N GLY A 29 5.76 -10.56 12.63
CA GLY A 29 6.28 -11.37 11.53
C GLY A 29 5.16 -12.04 10.76
N LEU A 30 5.49 -12.60 9.60
CA LEU A 30 4.48 -13.22 8.72
C LEU A 30 4.75 -14.72 8.53
N TRP A 31 3.82 -15.53 9.02
CA TRP A 31 3.97 -17.00 9.10
C TRP A 31 3.24 -17.70 7.95
N LEU A 32 4.01 -18.08 6.95
CA LEU A 32 3.49 -18.85 5.84
C LEU A 32 4.18 -20.20 5.74
N ASP A 33 3.39 -21.26 5.89
CA ASP A 33 3.92 -22.65 5.91
C ASP A 33 4.90 -22.76 7.09
N ASP A 34 6.15 -23.12 6.83
CA ASP A 34 7.14 -23.23 7.92
C ASP A 34 8.17 -22.10 7.93
N THR A 35 7.79 -20.95 7.37
CA THR A 35 8.65 -19.77 7.37
C THR A 35 7.92 -18.61 8.06
N VAL A 36 8.70 -17.75 8.70
CA VAL A 36 8.21 -16.51 9.31
C VAL A 36 9.06 -15.40 8.72
N TYR A 37 8.42 -14.39 8.11
CA TYR A 37 9.13 -13.25 7.55
C TYR A 37 8.97 -12.03 8.46
N CYS A 38 10.02 -11.25 8.66
CA CYS A 38 9.93 -10.03 9.43
C CYS A 38 11.02 -9.07 8.98
N PRO A 39 10.95 -7.79 9.41
CA PRO A 39 12.03 -6.83 9.12
C PRO A 39 13.33 -7.20 9.81
N ARG A 40 14.45 -7.01 9.12
CA ARG A 40 15.73 -7.48 9.63
C ARG A 40 16.16 -6.62 10.79
N HIS A 41 15.67 -5.37 10.82
CA HIS A 41 16.09 -4.43 11.86
C HIS A 41 15.66 -4.85 13.27
N VAL A 42 15.01 -6.01 13.36
CA VAL A 42 14.64 -6.64 14.62
C VAL A 42 15.91 -7.04 15.37
N ILE A 43 17.00 -7.22 14.63
CA ILE A 43 18.28 -7.62 15.19
C ILE A 43 19.10 -6.39 15.62
N CYS A 44 18.48 -5.22 15.67
CA CYS A 44 19.19 -3.97 16.03
C CYS A 44 18.77 -3.41 17.38
N THR A 45 19.75 -2.88 18.13
CA THR A 45 19.44 -2.02 19.28
C THR A 45 19.45 -0.58 18.83
N ALA A 46 19.09 0.31 19.75
CA ALA A 46 19.05 1.75 19.49
C ALA A 46 20.35 2.26 18.85
N GLU A 47 21.48 1.95 19.52
CA GLU A 47 22.83 2.29 19.05
C GLU A 47 23.05 1.80 17.60
N ASP A 48 22.61 0.56 17.35
CA ASP A 48 22.82 -0.14 16.07
C ASP A 48 22.10 0.51 14.89
N MET A 49 20.94 1.12 15.15
CA MET A 49 20.08 1.62 14.07
C MET A 49 20.70 2.70 13.19
N LEU A 50 21.52 3.56 13.78
CA LEU A 50 22.43 4.37 12.99
C LEU A 50 23.59 3.45 12.63
N ASN A 51 23.91 3.37 11.35
CA ASN A 51 25.14 2.71 10.87
C ASN A 51 25.22 1.16 11.05
N PRO A 52 24.09 0.44 10.85
CA PRO A 52 24.21 -0.98 11.06
C PRO A 52 24.87 -1.66 9.86
N ASN A 53 25.61 -2.74 10.16
CA ASN A 53 26.00 -3.71 9.16
C ASN A 53 25.30 -5.03 9.49
N TYR A 54 24.29 -5.36 8.71
CA TYR A 54 23.44 -6.50 9.03
C TYR A 54 24.15 -7.83 8.87
N GLU A 55 25.05 -7.95 7.90
CA GLU A 55 25.88 -9.16 7.77
C GLU A 55 26.53 -9.43 9.13
N ASP A 56 27.32 -8.46 9.58
CA ASP A 56 28.07 -8.56 10.82
C ASP A 56 27.16 -8.77 12.02
N LEU A 57 25.99 -8.10 12.03
CA LEU A 57 25.09 -8.20 13.17
C LEU A 57 24.39 -9.53 13.19
N LEU A 58 24.07 -10.05 12.00
CA LEU A 58 23.31 -11.31 11.92
C LEU A 58 24.15 -12.52 12.25
N ILE A 59 25.38 -12.59 11.73
CA ILE A 59 26.34 -13.66 12.05
C ILE A 59 26.60 -13.86 13.58
N ARG A 60 26.32 -12.83 14.40
CA ARG A 60 26.40 -12.89 15.89
C ARG A 60 25.15 -13.49 16.56
N LYS A 61 24.31 -14.15 15.75
CA LYS A 61 23.03 -14.69 16.19
C LYS A 61 22.90 -16.15 15.82
N SER A 62 22.25 -16.90 16.71
CA SER A 62 21.87 -18.28 16.45
C SER A 62 20.37 -18.35 16.19
N ASN A 63 19.93 -19.52 15.76
CA ASN A 63 18.51 -19.88 15.75
C ASN A 63 17.75 -19.52 17.01
N HIS A 64 18.38 -19.65 18.17
CA HIS A 64 17.69 -19.44 19.43
C HIS A 64 17.88 -18.03 19.97
N SER A 65 18.54 -17.19 19.17
CA SER A 65 18.50 -15.75 19.42
C SER A 65 17.08 -15.20 19.11
N PHE A 66 16.33 -15.92 18.28
CA PHE A 66 15.02 -15.50 17.84
C PHE A 66 13.89 -16.22 18.59
N LEU A 67 12.95 -15.42 19.10
CA LEU A 67 11.78 -15.95 19.76
C LEU A 67 10.53 -15.59 18.92
N VAL A 68 9.77 -16.61 18.50
CA VAL A 68 8.53 -16.39 17.72
C VAL A 68 7.33 -17.06 18.38
N GLN A 69 6.27 -16.27 18.55
CA GLN A 69 5.08 -16.68 19.29
C GLN A 69 3.78 -16.56 18.47
N ALA A 70 3.08 -17.66 18.28
CA ALA A 70 1.85 -17.68 17.54
C ALA A 70 0.70 -17.80 18.52
N GLY A 71 0.05 -16.67 18.81
CA GLY A 71 -0.94 -16.61 19.89
C GLY A 71 -0.25 -16.82 21.22
N ASN A 72 -0.58 -17.93 21.89
CA ASN A 72 0.05 -18.27 23.16
C ASN A 72 1.27 -19.16 22.97
N VAL A 73 1.30 -19.89 21.86
CA VAL A 73 2.24 -21.01 21.65
C VAL A 73 3.59 -20.59 21.00
N GLN A 74 4.68 -20.95 21.67
CA GLN A 74 6.03 -20.70 21.20
C GLN A 74 6.36 -21.56 19.98
N LEU A 75 6.92 -20.93 18.97
CA LEU A 75 7.42 -21.64 17.81
C LEU A 75 8.94 -21.58 17.84
N ARG A 76 9.58 -22.71 17.55
CA ARG A 76 11.02 -22.81 17.65
C ARG A 76 11.66 -22.55 16.29
N VAL A 77 12.72 -21.76 16.29
CA VAL A 77 13.44 -21.41 15.07
C VAL A 77 14.53 -22.44 14.83
N ILE A 78 14.62 -22.92 13.59
CA ILE A 78 15.49 -24.03 13.22
C ILE A 78 16.33 -23.73 11.97
N GLY A 79 16.32 -22.46 11.58
CA GLY A 79 17.02 -22.01 10.40
C GLY A 79 16.75 -20.54 10.21
N HIS A 80 17.74 -19.82 9.70
CA HIS A 80 17.56 -18.41 9.42
C HIS A 80 18.44 -18.01 8.26
N SER A 81 17.93 -17.10 7.43
CA SER A 81 18.73 -16.49 6.38
C SER A 81 18.28 -15.04 6.20
N MET A 82 19.14 -14.20 5.66
CA MET A 82 18.72 -12.85 5.33
C MET A 82 18.40 -12.76 3.83
N GLN A 83 17.33 -12.04 3.51
CA GLN A 83 16.97 -11.74 2.12
C GLN A 83 16.67 -10.28 2.00
N ASN A 84 17.54 -9.56 1.30
CA ASN A 84 17.49 -8.11 1.22
C ASN A 84 17.16 -7.55 2.59
N CYS A 85 15.99 -6.93 2.79
CA CYS A 85 15.77 -6.26 4.08
C CYS A 85 14.93 -7.03 5.11
N LEU A 86 14.57 -8.27 4.76
CA LEU A 86 13.84 -9.13 5.66
C LEU A 86 14.71 -10.28 6.20
N LEU A 87 14.22 -10.89 7.29
CA LEU A 87 14.69 -12.17 7.75
C LEU A 87 13.70 -13.24 7.39
N ARG A 88 14.22 -14.43 7.11
CA ARG A 88 13.39 -15.61 6.90
C ARG A 88 13.75 -16.65 7.95
N LEU A 89 12.84 -16.83 8.91
CA LEU A 89 13.06 -17.73 10.02
C LEU A 89 12.31 -19.03 9.77
N LYS A 90 13.06 -20.10 9.54
CA LYS A 90 12.45 -21.43 9.46
CA LYS A 90 12.45 -21.42 9.46
C LYS A 90 12.04 -21.86 10.85
N VAL A 91 10.83 -22.40 10.96
CA VAL A 91 10.29 -22.84 12.24
C VAL A 91 9.93 -24.32 12.21
N ASP A 92 9.64 -24.86 13.40
CA ASP A 92 9.30 -26.29 13.63
C ASP A 92 7.89 -26.72 13.15
N THR A 93 6.95 -25.77 13.06
CA THR A 93 5.59 -26.04 12.58
C THR A 93 5.27 -25.36 11.24
N SER A 94 4.42 -26.00 10.46
CA SER A 94 3.85 -25.39 9.28
C SER A 94 2.50 -24.81 9.70
N ASN A 95 2.25 -23.54 9.35
CA ASN A 95 1.01 -22.85 9.74
C ASN A 95 -0.20 -23.59 9.19
N PRO A 96 -1.08 -24.08 10.09
CA PRO A 96 -2.28 -24.74 9.60
C PRO A 96 -3.23 -23.74 8.92
N LYS A 97 -3.08 -22.44 9.21
CA LYS A 97 -3.98 -21.40 8.66
C LYS A 97 -3.44 -20.74 7.39
N THR A 98 -2.32 -21.25 6.89
CA THR A 98 -1.74 -20.77 5.63
C THR A 98 -2.75 -20.81 4.45
N PRO A 99 -3.16 -19.63 3.95
CA PRO A 99 -4.04 -19.61 2.77
C PRO A 99 -3.24 -19.74 1.48
N LYS A 100 -3.91 -19.97 0.35
CA LYS A 100 -3.22 -19.85 -0.93
C LYS A 100 -2.72 -18.43 -1.01
N TYR A 101 -1.58 -18.20 -1.64
CA TYR A 101 -1.02 -16.86 -1.66
C TYR A 101 0.09 -16.67 -2.67
N LYS A 102 0.50 -15.41 -2.80
CA LYS A 102 1.46 -14.94 -3.77
C LYS A 102 2.17 -13.73 -3.21
N PHE A 103 3.37 -13.48 -3.70
CA PHE A 103 4.11 -12.28 -3.37
C PHE A 103 4.22 -11.45 -4.62
N VAL A 104 3.59 -10.27 -4.59
CA VAL A 104 3.62 -9.36 -5.72
C VAL A 104 4.26 -8.06 -5.27
N ARG A 105 5.10 -7.49 -6.11
CA ARG A 105 5.53 -6.10 -5.92
C ARG A 105 4.53 -5.22 -6.65
N ILE A 106 3.89 -4.31 -5.94
CA ILE A 106 2.92 -3.41 -6.60
C ILE A 106 3.56 -2.15 -7.16
N GLN A 107 2.82 -1.48 -8.04
CA GLN A 107 3.32 -0.32 -8.75
C GLN A 107 2.71 0.94 -8.14
N PRO A 108 3.41 2.10 -8.27
CA PRO A 108 2.82 3.33 -7.75
C PRO A 108 1.40 3.51 -8.27
N GLY A 109 0.55 4.14 -7.47
CA GLY A 109 -0.85 4.34 -7.86
C GLY A 109 -1.72 3.17 -7.42
N GLN A 110 -1.13 1.99 -7.26
CA GLN A 110 -1.96 0.85 -6.91
C GLN A 110 -2.34 0.92 -5.42
N THR A 111 -3.45 0.29 -5.10
CA THR A 111 -3.95 0.27 -3.72
C THR A 111 -3.76 -1.11 -3.10
N PHE A 112 -3.90 -1.18 -1.77
CA PHE A 112 -3.88 -2.44 -1.03
C PHE A 112 -4.43 -2.19 0.35
N SER A 113 -4.75 -3.27 1.06
CA SER A 113 -5.24 -3.19 2.44
C SER A 113 -4.08 -3.44 3.39
N VAL A 114 -4.12 -2.82 4.58
CA VAL A 114 -3.05 -2.91 5.54
C VAL A 114 -3.67 -3.43 6.81
N LEU A 115 -3.07 -4.47 7.39
CA LEU A 115 -3.51 -4.94 8.70
C LEU A 115 -2.53 -4.41 9.76
N ALA A 116 -2.91 -3.36 10.47
CA ALA A 116 -2.03 -2.82 11.50
C ALA A 116 -1.96 -3.80 12.71
N CYS A 117 -0.74 -4.05 13.18
CA CYS A 117 -0.51 -5.10 14.15
C CYS A 117 0.46 -4.69 15.21
N TYR A 118 0.23 -5.14 16.43
CA TYR A 118 1.18 -4.91 17.54
C TYR A 118 1.34 -6.16 18.35
N ASN A 119 2.60 -6.45 18.71
CA ASN A 119 2.97 -7.68 19.42
C ASN A 119 2.35 -8.95 18.79
N GLY A 120 2.33 -9.00 17.46
CA GLY A 120 1.80 -10.16 16.73
C GLY A 120 0.28 -10.28 16.81
N SER A 121 -0.34 -9.20 17.25
CA SER A 121 -1.78 -9.15 17.50
C SER A 121 -2.44 -8.03 16.62
N PRO A 122 -3.26 -8.46 15.62
CA PRO A 122 -3.97 -7.57 14.68
C PRO A 122 -4.87 -6.54 15.38
N SER A 123 -4.73 -5.25 15.06
CA SER A 123 -5.53 -4.25 15.74
C SER A 123 -6.45 -3.40 14.83
N GLY A 124 -6.21 -3.38 13.52
CA GLY A 124 -7.09 -2.63 12.63
C GLY A 124 -6.79 -2.81 11.16
N VAL A 125 -7.76 -2.53 10.31
CA VAL A 125 -7.52 -2.65 8.86
C VAL A 125 -7.93 -1.36 8.12
N TYR A 126 -7.08 -0.92 7.18
CA TYR A 126 -7.40 0.24 6.32
C TYR A 126 -6.86 0.10 4.91
N GLN A 127 -7.51 0.84 4.01
CA GLN A 127 -7.13 0.85 2.62
C GLN A 127 -6.24 2.05 2.33
N CYS A 128 -5.19 1.84 1.53
CA CYS A 128 -4.38 2.98 1.09
C CYS A 128 -3.76 2.77 -0.28
N ALA A 129 -3.11 3.82 -0.75
CA ALA A 129 -2.45 3.81 -2.03
C ALA A 129 -0.95 3.93 -1.80
N MET A 130 -0.20 3.12 -2.52
CA MET A 130 1.21 3.37 -2.76
C MET A 130 1.32 4.66 -3.57
N ARG A 131 1.89 5.69 -2.95
CA ARG A 131 2.06 6.99 -3.57
C ARG A 131 3.11 6.99 -4.66
N PRO A 132 3.09 7.99 -5.56
CA PRO A 132 4.17 8.15 -6.53
C PRO A 132 5.57 8.24 -5.94
N ASN A 133 5.69 8.84 -4.76
CA ASN A 133 6.98 8.98 -4.11
C ASN A 133 7.36 7.76 -3.25
N HIS A 134 6.63 6.66 -3.49
CA HIS A 134 6.78 5.36 -2.85
C HIS A 134 6.52 5.35 -1.33
N THR A 135 5.81 6.33 -0.81
CA THR A 135 5.39 6.24 0.57
C THR A 135 3.92 5.89 0.59
N ILE A 136 3.44 5.57 1.78
CA ILE A 136 2.02 5.43 2.09
C ILE A 136 1.67 6.36 3.26
N LYS A 137 0.49 6.97 3.21
CA LYS A 137 -0.01 7.76 4.33
C LYS A 137 -0.82 6.79 5.16
N GLY A 138 -0.14 5.98 5.96
CA GLY A 138 -0.82 5.04 6.82
C GLY A 138 -1.01 5.62 8.21
N SER A 139 -1.25 4.71 9.15
CA SER A 139 -1.31 5.05 10.56
C SER A 139 -0.64 3.94 11.37
N PHE A 140 0.54 4.25 11.88
CA PHE A 140 1.39 3.29 12.58
C PHE A 140 2.01 3.93 13.81
N LEU A 141 2.03 3.17 14.91
CA LEU A 141 2.77 3.56 16.09
C LEU A 141 3.99 2.65 16.15
N ASN A 142 4.85 2.87 17.14
CA ASN A 142 5.94 1.98 17.48
C ASN A 142 5.42 0.60 17.75
N GLY A 143 6.02 -0.38 17.08
CA GLY A 143 5.68 -1.78 17.26
C GLY A 143 4.80 -2.29 16.15
N SER A 144 4.60 -1.49 15.11
CA SER A 144 3.78 -1.88 13.97
C SER A 144 4.61 -2.45 12.84
N CYS A 145 5.93 -2.27 12.92
CA CYS A 145 6.85 -2.84 11.94
C CYS A 145 6.54 -4.31 11.76
N GLY A 146 6.54 -4.75 10.50
CA GLY A 146 6.23 -6.13 10.14
C GLY A 146 4.75 -6.42 9.88
N SER A 147 3.92 -5.40 10.14
CA SER A 147 2.53 -5.36 9.69
C SER A 147 2.52 -5.35 8.17
N VAL A 148 1.53 -6.03 7.57
CA VAL A 148 1.55 -6.27 6.14
C VAL A 148 0.37 -5.66 5.36
N GLY A 149 0.63 -5.43 4.07
CA GLY A 149 -0.37 -4.97 3.11
C GLY A 149 -0.62 -6.05 2.09
N PHE A 150 -1.85 -6.10 1.57
CA PHE A 150 -2.25 -7.20 0.72
C PHE A 150 -3.47 -6.93 -0.14
N ASN A 151 -3.62 -7.73 -1.19
CA ASN A 151 -4.82 -7.79 -2.00
C ASN A 151 -5.39 -9.21 -2.03
N ILE A 152 -6.70 -9.33 -2.09
CA ILE A 152 -7.28 -10.66 -2.17
C ILE A 152 -8.06 -10.79 -3.44
N ASP A 153 -7.65 -11.73 -4.29
CA ASP A 153 -8.40 -12.07 -5.51
C ASP A 153 -8.82 -13.54 -5.46
N TYR A 154 -10.12 -13.73 -5.30
CA TYR A 154 -10.81 -15.04 -5.19
C TYR A 154 -10.66 -15.68 -3.81
N ASP A 155 -9.49 -16.25 -3.57
CA ASP A 155 -9.25 -17.04 -2.39
C ASP A 155 -7.79 -16.87 -2.02
N CYS A 156 -7.07 -16.21 -2.93
CA CYS A 156 -5.61 -16.09 -2.94
C CYS A 156 -5.11 -14.70 -2.46
N VAL A 157 -4.37 -14.67 -1.36
CA VAL A 157 -3.82 -13.44 -0.80
C VAL A 157 -2.56 -13.00 -1.55
N SER A 158 -2.58 -11.82 -2.16
CA SER A 158 -1.38 -11.24 -2.74
C SER A 158 -0.69 -10.23 -1.79
N PHE A 159 0.34 -10.70 -1.09
CA PHE A 159 1.15 -9.86 -0.18
C PHE A 159 2.04 -8.91 -1.02
N CYS A 160 1.98 -7.61 -0.72
CA CYS A 160 2.74 -6.63 -1.51
C CYS A 160 3.60 -5.71 -0.65
N TYR A 161 3.32 -5.64 0.64
CA TYR A 161 4.00 -4.69 1.52
C TYR A 161 4.27 -5.23 2.92
N MET A 162 5.47 -4.92 3.41
CA MET A 162 5.76 -5.07 4.84
C MET A 162 6.31 -3.75 5.36
N HIS A 163 5.86 -3.36 6.54
CA HIS A 163 6.23 -2.09 7.14
C HIS A 163 7.58 -2.16 7.87
N HIS A 164 8.40 -1.12 7.71
CA HIS A 164 9.76 -1.09 8.29
C HIS A 164 9.96 0.19 9.07
N MET A 165 9.52 1.31 8.53
CA MET A 165 9.83 2.58 9.18
C MET A 165 8.90 3.74 8.84
N GLU A 166 9.08 4.83 9.59
CA GLU A 166 8.34 6.05 9.40
C GLU A 166 9.30 7.20 9.07
N LEU A 167 8.84 8.14 8.24
CA LEU A 167 9.65 9.26 7.78
C LEU A 167 9.24 10.56 8.50
N PRO A 168 10.11 11.60 8.47
CA PRO A 168 9.88 12.82 9.25
C PRO A 168 8.54 13.50 8.97
N THR A 169 8.03 13.38 7.74
CA THR A 169 6.74 13.95 7.39
C THR A 169 5.59 13.24 8.09
N GLY A 170 5.84 12.02 8.58
CA GLY A 170 4.76 11.22 9.17
C GLY A 170 4.12 10.22 8.22
N VAL A 171 4.79 9.91 7.12
CA VAL A 171 4.31 8.91 6.17
C VAL A 171 5.23 7.71 6.30
N HIS A 172 4.97 6.64 5.57
CA HIS A 172 5.57 5.36 5.93
C HIS A 172 6.36 4.71 4.82
N ALA A 173 7.38 3.94 5.18
CA ALA A 173 8.20 3.26 4.18
C ALA A 173 8.38 1.81 4.51
N GLY A 174 8.50 0.99 3.48
CA GLY A 174 8.71 -0.40 3.70
C GLY A 174 9.01 -1.13 2.43
N THR A 175 8.62 -2.40 2.42
CA THR A 175 9.26 -3.32 1.54
C THR A 175 8.23 -4.25 0.88
N ASP A 176 8.58 -4.84 -0.26
CA ASP A 176 7.78 -5.96 -0.74
C ASP A 176 8.23 -7.24 0.00
N LEU A 177 7.59 -8.37 -0.27
CA LEU A 177 7.86 -9.58 0.46
C LEU A 177 9.07 -10.37 -0.06
N GLU A 178 9.83 -9.75 -0.96
CA GLU A 178 11.20 -10.16 -1.24
C GLU A 178 12.19 -9.34 -0.38
N GLY A 179 11.68 -8.32 0.31
CA GLY A 179 12.48 -7.55 1.22
C GLY A 179 13.14 -6.37 0.54
N LYS A 180 12.69 -6.07 -0.68
CA LYS A 180 13.18 -4.91 -1.42
C LYS A 180 12.28 -3.70 -1.17
N PHE A 181 12.89 -2.62 -0.70
CA PHE A 181 12.15 -1.40 -0.44
C PHE A 181 11.40 -0.88 -1.66
N TYR A 182 10.22 -0.31 -1.43
CA TYR A 182 9.60 0.64 -2.34
C TYR A 182 10.29 1.97 -2.07
N GLY A 183 10.78 2.60 -3.13
CA GLY A 183 11.46 3.89 -2.99
C GLY A 183 12.97 3.77 -2.85
N PRO A 184 13.66 4.91 -2.70
CA PRO A 184 15.10 4.97 -2.44
C PRO A 184 15.45 4.96 -0.95
N PHE A 185 14.71 4.18 -0.18
CA PHE A 185 14.83 4.24 1.26
C PHE A 185 15.69 3.07 1.75
N VAL A 186 16.35 3.29 2.89
CA VAL A 186 17.19 2.27 3.44
C VAL A 186 16.87 1.94 4.89
N ASP A 187 17.40 0.79 5.27
CA ASP A 187 17.15 0.08 6.50
C ASP A 187 17.80 0.68 7.77
N ARG A 188 17.96 1.99 7.82
CA ARG A 188 18.72 2.64 8.89
CA ARG A 188 18.76 2.65 8.84
C ARG A 188 18.31 4.09 9.17
N GLN A 189 18.76 4.61 10.29
CA GLN A 189 18.34 5.94 10.77
C GLN A 189 19.31 7.02 10.30
N THR A 190 18.94 7.68 9.22
CA THR A 190 19.66 8.85 8.74
C THR A 190 18.68 9.92 8.29
N ALA A 191 19.23 11.03 7.84
CA ALA A 191 18.46 12.03 7.14
C ALA A 191 17.88 11.36 5.89
N GLN A 192 16.60 10.98 5.99
CA GLN A 192 15.83 10.47 4.85
C GLN A 192 14.56 11.29 4.76
N ALA A 193 14.18 11.66 3.55
CA ALA A 193 12.95 12.43 3.38
C ALA A 193 12.19 11.90 2.18
N ALA A 194 10.87 11.92 2.30
CA ALA A 194 10.00 11.64 1.16
C ALA A 194 10.31 12.67 0.10
N GLY A 195 10.49 12.21 -1.14
CA GLY A 195 10.49 13.11 -2.30
C GLY A 195 9.11 13.73 -2.54
N THR A 196 9.07 14.78 -3.35
CA THR A 196 7.81 15.47 -3.61
C THR A 196 6.82 14.50 -4.28
N ASP A 197 5.58 14.50 -3.78
CA ASP A 197 4.54 13.63 -4.30
C ASP A 197 3.81 14.29 -5.48
N THR A 198 2.92 13.52 -6.13
CA THR A 198 2.06 14.01 -7.19
C THR A 198 0.67 13.41 -6.96
N THR A 199 -0.39 14.03 -7.50
CA THR A 199 -1.75 13.46 -7.44
C THR A 199 -1.88 12.40 -8.52
N ILE A 200 -2.62 11.32 -8.26
CA ILE A 200 -2.68 10.17 -9.16
C ILE A 200 -3.85 10.28 -10.15
N THR A 201 -3.55 10.96 -11.26
CA THR A 201 -4.48 11.18 -12.38
C THR A 201 -5.35 9.99 -12.74
N LEU A 202 -4.76 8.85 -13.03
CA LEU A 202 -5.58 7.74 -13.47
C LEU A 202 -6.74 7.51 -12.48
N ASN A 203 -6.45 7.60 -11.17
CA ASN A 203 -7.41 7.29 -10.10
C ASN A 203 -8.45 8.37 -9.92
N VAL A 204 -8.03 9.63 -9.99
CA VAL A 204 -8.99 10.70 -10.01
C VAL A 204 -10.02 10.44 -11.11
N LEU A 205 -9.56 10.06 -12.30
CA LEU A 205 -10.48 9.79 -13.43
C LEU A 205 -11.40 8.62 -13.15
N ALA A 206 -10.84 7.51 -12.69
CA ALA A 206 -11.64 6.38 -12.20
C ALA A 206 -12.76 6.85 -11.26
N TRP A 207 -12.41 7.70 -10.30
CA TRP A 207 -13.36 8.11 -9.27
C TRP A 207 -14.49 9.00 -9.82
N LEU A 208 -14.14 9.82 -10.80
CA LEU A 208 -15.12 10.58 -11.59
C LEU A 208 -16.08 9.66 -12.32
N TYR A 209 -15.59 8.55 -12.86
CA TYR A 209 -16.44 7.60 -13.56
C TYR A 209 -17.43 6.94 -12.60
N ALA A 210 -16.96 6.63 -11.39
CA ALA A 210 -17.80 6.12 -10.30
C ALA A 210 -18.92 7.10 -9.94
N ALA A 211 -18.58 8.39 -9.81
CA ALA A 211 -19.57 9.43 -9.54
C ALA A 211 -20.70 9.38 -10.58
N VAL A 212 -20.33 9.30 -11.84
CA VAL A 212 -21.30 9.06 -12.89
C VAL A 212 -22.05 7.72 -12.75
N ILE A 213 -21.33 6.63 -12.52
CA ILE A 213 -21.97 5.31 -12.40
C ILE A 213 -23.05 5.35 -11.31
N ASN A 214 -22.74 6.09 -10.25
CA ASN A 214 -23.63 6.22 -9.12
C ASN A 214 -24.70 7.31 -9.32
N GLY A 215 -24.66 7.98 -10.47
CA GLY A 215 -25.77 8.81 -10.90
C GLY A 215 -25.48 10.31 -10.95
N ASP A 216 -24.25 10.71 -10.65
CA ASP A 216 -23.91 12.14 -10.73
C ASP A 216 -23.14 12.56 -11.97
N ARG A 217 -23.62 13.63 -12.61
CA ARG A 217 -22.86 14.20 -13.73
C ARG A 217 -22.73 15.71 -13.84
N TRP A 218 -22.98 16.42 -12.73
CA TRP A 218 -22.88 17.89 -12.76
C TRP A 218 -21.58 18.45 -13.38
N PHE A 219 -20.45 17.78 -13.11
CA PHE A 219 -19.10 18.26 -13.47
C PHE A 219 -18.73 18.04 -14.93
N LEU A 220 -19.52 17.25 -15.63
CA LEU A 220 -19.33 17.10 -17.07
C LEU A 220 -19.45 18.44 -17.81
N ASN A 221 -18.82 18.54 -18.97
CA ASN A 221 -18.99 19.70 -19.87
C ASN A 221 -19.06 19.27 -21.34
N ARG A 222 -19.17 20.24 -22.25
CA ARG A 222 -19.33 19.93 -23.68
C ARG A 222 -18.00 19.86 -24.40
N PHE A 223 -16.91 20.12 -23.69
CA PHE A 223 -15.63 20.18 -24.35
C PHE A 223 -14.94 18.82 -24.49
N THR A 224 -13.90 18.80 -25.33
CA THR A 224 -12.99 17.69 -25.39
C THR A 224 -11.59 18.26 -25.36
N THR A 225 -10.61 17.38 -25.18
CA THR A 225 -9.22 17.82 -25.08
C THR A 225 -8.31 16.79 -25.71
N THR A 226 -7.12 17.22 -26.07
CA THR A 226 -6.10 16.27 -26.48
C THR A 226 -5.33 15.90 -25.23
N LEU A 227 -4.78 14.70 -25.27
CA LEU A 227 -3.92 14.21 -24.21
C LEU A 227 -2.83 15.23 -23.82
N ASN A 228 -2.13 15.75 -24.83
CA ASN A 228 -1.04 16.72 -24.62
C ASN A 228 -1.48 18.07 -24.05
N ASP A 229 -2.66 18.56 -24.45
CA ASP A 229 -3.23 19.78 -23.84
C ASP A 229 -3.65 19.49 -22.41
N PHE A 230 -4.15 18.28 -22.15
CA PHE A 230 -4.47 17.92 -20.79
C PHE A 230 -3.20 17.91 -19.93
N ASN A 231 -2.12 17.32 -20.42
CA ASN A 231 -0.87 17.28 -19.68
C ASN A 231 -0.29 18.65 -19.34
N LEU A 232 -0.37 19.60 -20.27
CA LEU A 232 0.16 20.94 -20.00
C LEU A 232 -0.53 21.52 -18.76
N VAL A 233 -1.80 21.16 -18.59
CA VAL A 233 -2.60 21.58 -17.43
C VAL A 233 -2.27 20.71 -16.20
N ALA A 234 -2.20 19.40 -16.39
CA ALA A 234 -1.83 18.48 -15.32
C ALA A 234 -0.55 18.90 -14.58
N MET A 235 0.45 19.40 -15.32
CA MET A 235 1.74 19.81 -14.75
CA MET A 235 1.73 19.79 -14.75
C MET A 235 1.60 21.02 -13.85
N LYS A 236 0.84 22.00 -14.30
CA LYS A 236 0.56 23.18 -13.48
C LYS A 236 -0.02 22.76 -12.13
N TYR A 237 -0.86 21.74 -12.12
CA TYR A 237 -1.60 21.41 -10.92
C TYR A 237 -1.02 20.26 -10.12
N ASN A 238 0.17 19.79 -10.53
CA ASN A 238 0.91 18.75 -9.83
C ASN A 238 0.22 17.38 -9.92
N TYR A 239 -0.37 17.12 -11.08
CA TYR A 239 -0.97 15.85 -11.44
C TYR A 239 0.02 15.08 -12.29
N GLU A 240 -0.09 13.75 -12.31
CA GLU A 240 0.79 12.89 -13.09
C GLU A 240 0.48 13.08 -14.57
N PRO A 241 1.50 13.00 -15.43
CA PRO A 241 1.17 12.98 -16.85
C PRO A 241 0.27 11.79 -17.17
N LEU A 242 -0.82 12.05 -17.88
CA LEU A 242 -1.67 10.99 -18.39
C LEU A 242 -1.11 10.45 -19.71
N THR A 243 -1.24 9.14 -19.88
CA THR A 243 -0.57 8.39 -20.93
C THR A 243 -1.65 7.62 -21.69
N GLN A 244 -1.27 7.02 -22.82
CA GLN A 244 -2.25 6.27 -23.59
C GLN A 244 -2.63 4.99 -22.87
N ASP A 245 -1.67 4.37 -22.21
CA ASP A 245 -1.93 3.23 -21.33
C ASP A 245 -3.05 3.53 -20.34
N HIS A 246 -2.97 4.68 -19.69
CA HIS A 246 -4.01 5.07 -18.71
C HIS A 246 -5.37 5.22 -19.39
N VAL A 247 -5.37 5.82 -20.60
CA VAL A 247 -6.59 5.98 -21.41
C VAL A 247 -7.19 4.62 -21.78
N ASP A 248 -6.33 3.63 -22.09
CA ASP A 248 -6.85 2.28 -22.41
C ASP A 248 -7.39 1.56 -21.17
N ILE A 249 -6.72 1.73 -20.03
CA ILE A 249 -7.20 1.16 -18.77
C ILE A 249 -8.63 1.67 -18.44
N LEU A 250 -8.93 2.91 -18.82
CA LEU A 250 -10.26 3.50 -18.59
C LEU A 250 -11.39 3.08 -19.57
N GLY A 251 -11.07 2.21 -20.54
CA GLY A 251 -12.01 1.71 -21.55
C GLY A 251 -13.34 1.11 -21.06
N PRO A 252 -13.27 0.05 -20.24
CA PRO A 252 -14.47 -0.53 -19.66
C PRO A 252 -15.38 0.49 -18.95
N LEU A 253 -14.80 1.34 -18.11
CA LEU A 253 -15.55 2.41 -17.44
C LEU A 253 -16.15 3.45 -18.42
N SER A 254 -15.39 3.80 -19.46
CA SER A 254 -15.88 4.71 -20.50
C SER A 254 -17.09 4.10 -21.19
N ALA A 255 -17.00 2.80 -21.46
CA ALA A 255 -18.05 2.03 -22.10
C ALA A 255 -19.30 1.90 -21.23
N GLN A 256 -19.14 1.65 -19.93
CA GLN A 256 -20.32 1.52 -19.06
C GLN A 256 -21.10 2.83 -18.88
N THR A 257 -20.40 3.96 -18.91
CA THR A 257 -21.04 5.27 -18.70
C THR A 257 -21.30 6.07 -19.99
N GLY A 258 -20.74 5.60 -21.10
CA GLY A 258 -20.87 6.30 -22.36
C GLY A 258 -20.16 7.64 -22.45
N ILE A 259 -19.27 7.95 -21.50
CA ILE A 259 -18.41 9.13 -21.61
C ILE A 259 -16.98 8.76 -22.05
N ALA A 260 -16.52 9.38 -23.12
CA ALA A 260 -15.18 9.14 -23.67
C ALA A 260 -14.15 9.66 -22.68
N VAL A 261 -13.06 8.91 -22.53
CA VAL A 261 -11.93 9.28 -21.67
C VAL A 261 -11.52 10.74 -21.81
N LEU A 262 -11.26 11.18 -23.04
CA LEU A 262 -10.74 12.52 -23.28
C LEU A 262 -11.80 13.57 -22.95
N ASP A 263 -13.07 13.18 -23.05
CA ASP A 263 -14.16 14.05 -22.61
C ASP A 263 -14.14 14.19 -21.09
N MET A 264 -13.83 13.11 -20.38
CA MET A 264 -13.69 13.16 -18.91
C MET A 264 -12.49 13.96 -18.49
N CYS A 265 -11.45 13.94 -19.32
CA CYS A 265 -10.26 14.75 -19.09
C CYS A 265 -10.56 16.23 -19.15
N ALA A 266 -11.40 16.64 -20.12
CA ALA A 266 -11.84 18.04 -20.23
C ALA A 266 -12.70 18.40 -19.02
N ALA A 267 -13.58 17.47 -18.63
CA ALA A 267 -14.31 17.58 -17.36
C ALA A 267 -13.34 17.92 -16.22
N LEU A 268 -12.25 17.14 -16.09
CA LEU A 268 -11.28 17.30 -14.99
C LEU A 268 -10.45 18.60 -15.13
N LYS A 269 -9.90 18.82 -16.32
CA LYS A 269 -9.26 20.09 -16.63
C LYS A 269 -10.09 21.24 -16.12
N GLU A 270 -11.38 21.22 -16.43
CA GLU A 270 -12.28 22.32 -15.98
C GLU A 270 -12.41 22.35 -14.44
N LEU A 271 -12.49 21.16 -13.83
CA LEU A 271 -12.50 21.06 -12.37
C LEU A 271 -11.26 21.67 -11.74
N LEU A 272 -10.11 21.42 -12.35
CA LEU A 272 -8.87 21.99 -11.84
C LEU A 272 -8.77 23.52 -11.95
N GLN A 273 -9.31 24.10 -13.00
CA GLN A 273 -9.15 25.55 -13.20
C GLN A 273 -10.22 26.34 -12.46
N ASN A 274 -11.46 25.81 -12.47
CA ASN A 274 -12.60 26.52 -11.92
C ASN A 274 -12.99 26.17 -10.48
N GLY A 275 -12.42 25.11 -9.92
CA GLY A 275 -12.78 24.65 -8.57
C GLY A 275 -14.06 23.82 -8.61
N MET A 276 -14.52 23.38 -7.44
CA MET A 276 -15.73 22.57 -7.37
C MET A 276 -16.98 23.42 -7.07
N ASN A 277 -16.75 24.73 -6.93
CA ASN A 277 -17.79 25.73 -6.70
C ASN A 277 -18.74 25.37 -5.54
N GLY A 278 -18.14 24.99 -4.40
CA GLY A 278 -18.89 24.62 -3.20
C GLY A 278 -19.72 23.33 -3.27
N ARG A 279 -19.45 22.50 -4.27
CA ARG A 279 -20.20 21.24 -4.46
C ARG A 279 -19.39 19.99 -4.10
N THR A 280 -20.09 18.86 -3.96
CA THR A 280 -19.44 17.58 -3.68
C THR A 280 -19.55 16.62 -4.88
N ILE A 281 -18.67 15.62 -4.87
CA ILE A 281 -18.69 14.51 -5.83
C ILE A 281 -18.54 13.27 -4.97
N LEU A 282 -19.50 12.36 -5.05
CA LEU A 282 -19.44 11.16 -4.22
C LEU A 282 -19.13 11.53 -2.76
N GLY A 283 -19.81 12.59 -2.29
CA GLY A 283 -19.68 13.09 -0.93
C GLY A 283 -18.40 13.84 -0.55
N SER A 284 -17.54 14.12 -1.52
CA SER A 284 -16.27 14.78 -1.20
C SER A 284 -16.10 16.17 -1.80
N THR A 285 -15.45 17.04 -1.05
CA THR A 285 -15.20 18.41 -1.45
C THR A 285 -13.92 18.54 -2.25
N ILE A 286 -13.12 17.47 -2.32
CA ILE A 286 -11.86 17.46 -3.07
C ILE A 286 -11.83 16.35 -4.14
N LEU A 287 -10.77 16.34 -4.95
CA LEU A 287 -10.63 15.32 -5.97
C LEU A 287 -9.89 14.13 -5.32
N GLU A 288 -10.52 12.97 -5.36
CA GLU A 288 -10.00 11.80 -4.65
C GLU A 288 -9.10 10.97 -5.57
N ASP A 289 -7.91 10.59 -5.10
CA ASP A 289 -6.99 9.78 -5.94
C ASP A 289 -6.57 8.42 -5.37
N GLU A 290 -7.29 7.92 -4.39
CA GLU A 290 -6.89 6.62 -3.82
C GLU A 290 -7.83 5.49 -4.22
N PHE A 291 -8.61 5.70 -5.29
CA PHE A 291 -9.31 4.58 -5.92
C PHE A 291 -8.82 4.31 -7.31
N THR A 292 -8.30 3.10 -7.54
CA THR A 292 -7.91 2.65 -8.89
C THR A 292 -9.15 2.41 -9.74
N PRO A 293 -8.97 2.23 -11.05
CA PRO A 293 -10.08 1.76 -11.89
C PRO A 293 -10.62 0.40 -11.47
N PHE A 294 -9.73 -0.50 -11.04
CA PHE A 294 -10.15 -1.78 -10.52
C PHE A 294 -11.04 -1.60 -9.28
N ASP A 295 -10.66 -0.73 -8.35
CA ASP A 295 -11.46 -0.53 -7.13
C ASP A 295 -12.87 -0.06 -7.46
N VAL A 296 -12.98 0.82 -8.46
CA VAL A 296 -14.30 1.27 -8.93
C VAL A 296 -15.13 0.11 -9.54
N VAL A 297 -14.53 -0.72 -10.38
CA VAL A 297 -15.27 -1.86 -10.94
C VAL A 297 -15.79 -2.81 -9.84
N ARG A 298 -14.90 -3.20 -8.91
CA ARG A 298 -15.23 -4.09 -7.78
C ARG A 298 -16.39 -3.55 -6.97
N GLN A 299 -16.31 -2.27 -6.60
CA GLN A 299 -17.25 -1.71 -5.65
C GLN A 299 -18.57 -1.22 -6.27
N CYS A 300 -18.50 -0.56 -7.42
CA CYS A 300 -19.72 -0.03 -8.03
C CYS A 300 -20.62 -1.07 -8.70
N SER A 301 -21.85 -0.62 -8.94
CA SER A 301 -22.80 -1.33 -9.77
C SER A 301 -22.19 -1.58 -11.15
N GLY A 302 -22.48 -2.75 -11.72
CA GLY A 302 -22.23 -2.98 -13.15
C GLY A 302 -23.24 -2.23 -14.01
N VAL A 303 -24.29 -1.68 -13.39
CA VAL A 303 -25.38 -0.96 -14.08
C VAL A 303 -25.42 0.51 -13.65
N THR A 304 -25.28 1.40 -14.65
CA THR A 304 -25.23 2.85 -14.42
C THR A 304 -26.61 3.35 -13.98
N PHE A 305 -26.63 4.31 -13.06
CA PHE A 305 -27.87 5.04 -12.74
C PHE A 305 -28.03 6.14 -13.81
N GLN A 306 -28.68 5.78 -14.91
CA GLN A 306 -28.75 6.66 -16.09
C GLN A 306 -29.62 7.90 -15.91
N ASP B 2 15.11 13.04 11.27
CA ASP B 2 15.57 11.82 11.14
C ASP B 2 14.37 10.91 10.95
N SER B 3 14.64 9.71 10.43
CA SER B 3 13.63 8.65 10.27
C SER B 3 13.55 7.74 11.51
N PHE B 4 12.58 6.83 11.53
CA PHE B 4 12.39 5.94 12.70
C PHE B 4 11.88 4.54 12.33
N ASP B 5 12.73 3.54 12.57
CA ASP B 5 12.42 2.14 12.26
C ASP B 5 11.49 1.51 13.30
#